data_7KDQ
#
_entry.id   7KDQ
#
_entity_poly.entity_id   1
_entity_poly.type   'polypeptide(L)'
_entity_poly.pdbx_seq_one_letter_code
;FFSLIPKLVGGLIKAFK(NH2)
;
_entity_poly.pdbx_strand_id   A
#
loop_
_chem_comp.id
_chem_comp.type
_chem_comp.name
_chem_comp.formula
NH2 non-polymer 'AMINO GROUP' 'H2 N'
#
# COMPACT_ATOMS: atom_id res chain seq x y z
N PHE A 1 -11.92 11.11 0.62
CA PHE A 1 -12.45 10.42 1.83
C PHE A 1 -11.45 9.36 2.29
N PHE A 2 -11.67 8.81 3.48
CA PHE A 2 -10.78 7.78 4.01
C PHE A 2 -10.52 6.71 2.96
N SER A 3 -9.45 5.94 3.16
CA SER A 3 -9.10 4.87 2.23
C SER A 3 -8.32 3.77 2.94
N LEU A 4 -7.78 2.84 2.17
CA LEU A 4 -7.01 1.74 2.72
C LEU A 4 -6.38 0.91 1.61
N ILE A 5 -7.12 0.77 0.52
CA ILE A 5 -6.65 0.00 -0.63
C ILE A 5 -5.35 0.58 -1.19
N PRO A 6 -5.24 1.89 -1.24
CA PRO A 6 -4.05 2.59 -1.78
C PRO A 6 -2.86 2.40 -0.86
N LYS A 7 -3.15 2.11 0.40
CA LYS A 7 -2.11 1.90 1.40
C LYS A 7 -1.56 0.47 1.32
N LEU A 8 -2.46 -0.47 1.08
CA LEU A 8 -2.08 -1.86 0.98
C LEU A 8 -1.09 -2.08 -0.15
N VAL A 9 -1.45 -1.63 -1.35
CA VAL A 9 -0.58 -1.79 -2.51
C VAL A 9 0.79 -1.20 -2.23
N GLY A 10 0.79 0.03 -1.71
CA GLY A 10 2.04 0.71 -1.38
C GLY A 10 2.91 -0.13 -0.46
N GLY A 11 2.27 -0.99 0.32
CA GLY A 11 2.99 -1.85 1.26
C GLY A 11 3.79 -2.92 0.52
N LEU A 12 3.18 -3.50 -0.50
CA LEU A 12 3.84 -4.55 -1.28
C LEU A 12 5.06 -4.00 -2.01
N ILE A 13 5.01 -2.72 -2.37
CA ILE A 13 6.13 -2.09 -3.08
C ILE A 13 7.41 -2.21 -2.28
N LYS A 14 7.38 -1.75 -1.03
CA LYS A 14 8.56 -1.80 -0.18
C LYS A 14 8.86 -3.24 0.23
N ALA A 15 7.82 -4.06 0.29
CA ALA A 15 7.99 -5.47 0.68
C ALA A 15 8.93 -6.18 -0.28
N PHE A 16 8.99 -5.70 -1.52
CA PHE A 16 9.85 -6.31 -2.52
C PHE A 16 11.32 -6.11 -2.14
N LYS A 17 11.66 -4.90 -1.72
CA LYS A 17 13.03 -4.59 -1.33
C LYS A 17 13.21 -4.76 0.18
N NH2 A 18 14.20 -5.49 0.63
HN1 NH2 A 18 14.82 -5.92 0.01
HN2 NH2 A 18 14.31 -5.60 1.60
N PHE A 1 -13.58 11.32 4.41
CA PHE A 1 -12.99 10.67 3.19
C PHE A 1 -12.80 9.19 3.46
N PHE A 2 -12.16 8.50 2.52
CA PHE A 2 -11.90 7.08 2.67
C PHE A 2 -10.71 6.66 1.81
N SER A 3 -9.76 5.96 2.44
CA SER A 3 -8.57 5.51 1.73
C SER A 3 -7.72 4.61 2.61
N LEU A 4 -7.35 3.45 2.09
CA LEU A 4 -6.54 2.51 2.84
C LEU A 4 -6.13 1.34 1.96
N ILE A 5 -7.04 0.90 1.10
CA ILE A 5 -6.78 -0.21 0.20
C ILE A 5 -5.61 0.11 -0.74
N PRO A 6 -5.54 1.32 -1.21
CA PRO A 6 -4.47 1.77 -2.14
C PRO A 6 -3.13 1.84 -1.43
N LYS A 7 -3.20 2.00 -0.11
CA LYS A 7 -2.00 2.08 0.71
C LYS A 7 -1.33 0.70 0.81
N LEU A 8 -2.15 -0.34 0.88
CA LEU A 8 -1.65 -1.69 0.98
C LEU A 8 -0.76 -2.02 -0.20
N VAL A 9 -1.19 -1.61 -1.39
CA VAL A 9 -0.43 -1.86 -2.61
C VAL A 9 0.94 -1.19 -2.53
N GLY A 10 0.94 0.11 -2.27
CA GLY A 10 2.18 0.87 -2.18
C GLY A 10 3.13 0.23 -1.16
N GLY A 11 2.55 -0.47 -0.18
CA GLY A 11 3.35 -1.12 0.84
C GLY A 11 4.08 -2.33 0.28
N LEU A 12 3.42 -3.04 -0.63
CA LEU A 12 4.02 -4.23 -1.24
C LEU A 12 5.31 -3.87 -1.97
N ILE A 13 5.38 -2.64 -2.48
CA ILE A 13 6.56 -2.19 -3.19
C ILE A 13 7.81 -2.30 -2.32
N LYS A 14 7.76 -1.69 -1.14
CA LYS A 14 8.89 -1.73 -0.22
C LYS A 14 9.06 -3.13 0.36
N ALA A 15 7.94 -3.82 0.56
CA ALA A 15 7.99 -5.18 1.11
C ALA A 15 8.75 -6.11 0.17
N PHE A 16 8.74 -5.78 -1.12
CA PHE A 16 9.43 -6.59 -2.11
C PHE A 16 10.90 -6.78 -1.73
N LYS A 17 11.55 -5.69 -1.34
CA LYS A 17 12.96 -5.75 -0.94
C LYS A 17 13.13 -6.59 0.32
N NH2 A 18 12.73 -6.11 1.47
HN1 NH2 A 18 12.32 -5.22 1.51
HN2 NH2 A 18 12.84 -6.65 2.28
N PHE A 1 -15.11 9.97 3.81
CA PHE A 1 -13.95 9.83 2.89
C PHE A 1 -12.77 9.23 3.64
N PHE A 2 -12.11 8.26 3.02
CA PHE A 2 -10.96 7.61 3.65
C PHE A 2 -10.19 6.77 2.63
N SER A 3 -8.87 6.73 2.78
CA SER A 3 -8.02 5.96 1.87
C SER A 3 -7.30 4.85 2.64
N LEU A 4 -7.02 3.75 1.94
CA LEU A 4 -6.34 2.62 2.55
C LEU A 4 -5.99 1.56 1.51
N ILE A 5 -6.84 1.44 0.50
CA ILE A 5 -6.61 0.47 -0.56
C ILE A 5 -5.29 0.72 -1.28
N PRO A 6 -4.96 1.96 -1.51
CA PRO A 6 -3.71 2.35 -2.22
C PRO A 6 -2.49 2.05 -1.36
N LYS A 7 -2.70 2.06 -0.05
CA LYS A 7 -1.64 1.79 0.90
C LYS A 7 -1.28 0.30 0.89
N LEU A 8 -2.30 -0.55 0.77
CA LEU A 8 -2.11 -1.97 0.75
C LEU A 8 -1.16 -2.38 -0.38
N VAL A 9 -1.49 -1.96 -1.61
CA VAL A 9 -0.66 -2.29 -2.76
C VAL A 9 0.68 -1.58 -2.69
N GLY A 10 0.64 -0.26 -2.50
CA GLY A 10 1.86 0.53 -2.40
C GLY A 10 2.78 -0.02 -1.32
N GLY A 11 2.19 -0.67 -0.31
CA GLY A 11 2.96 -1.22 0.79
C GLY A 11 3.76 -2.44 0.32
N LEU A 12 3.12 -3.32 -0.43
CA LEU A 12 3.79 -4.52 -0.92
C LEU A 12 5.11 -4.17 -1.61
N ILE A 13 5.15 -2.98 -2.21
CA ILE A 13 6.35 -2.54 -2.91
C ILE A 13 7.56 -2.53 -1.99
N LYS A 14 7.45 -1.84 -0.86
CA LYS A 14 8.55 -1.77 0.09
C LYS A 14 8.90 -3.16 0.62
N ALA A 15 7.89 -4.02 0.72
CA ALA A 15 8.09 -5.37 1.21
C ALA A 15 8.94 -6.18 0.23
N PHE A 16 8.85 -5.82 -1.04
CA PHE A 16 9.61 -6.51 -2.07
C PHE A 16 11.11 -6.37 -1.83
N LYS A 17 11.52 -5.17 -1.44
CA LYS A 17 12.93 -4.92 -1.18
C LYS A 17 13.33 -5.46 0.20
N NH2 A 18 13.28 -6.74 0.42
HN1 NH2 A 18 12.98 -7.35 -0.29
HN2 NH2 A 18 13.53 -7.09 1.30
N PHE A 1 -13.32 10.90 4.34
CA PHE A 1 -12.25 10.49 3.39
C PHE A 1 -11.74 9.11 3.78
N PHE A 2 -12.27 8.08 3.13
CA PHE A 2 -11.87 6.71 3.41
C PHE A 2 -10.88 6.21 2.37
N SER A 3 -9.70 5.81 2.82
CA SER A 3 -8.67 5.31 1.91
C SER A 3 -7.64 4.46 2.68
N LEU A 4 -7.24 3.35 2.08
CA LEU A 4 -6.26 2.46 2.70
C LEU A 4 -5.87 1.36 1.73
N ILE A 5 -6.83 0.92 0.94
CA ILE A 5 -6.60 -0.14 -0.04
C ILE A 5 -5.53 0.26 -1.05
N PRO A 6 -5.53 1.50 -1.47
CA PRO A 6 -4.55 2.03 -2.47
C PRO A 6 -3.16 2.10 -1.87
N LYS A 7 -3.11 2.23 -0.55
CA LYS A 7 -1.85 2.31 0.17
C LYS A 7 -1.27 0.92 0.39
N LEU A 8 -2.16 -0.06 0.54
CA LEU A 8 -1.76 -1.42 0.77
C LEU A 8 -0.86 -1.93 -0.35
N VAL A 9 -1.29 -1.71 -1.60
CA VAL A 9 -0.52 -2.15 -2.75
C VAL A 9 0.84 -1.46 -2.79
N GLY A 10 0.80 -0.13 -2.76
CA GLY A 10 2.04 0.65 -2.80
C GLY A 10 2.97 0.24 -1.67
N GLY A 11 2.40 -0.25 -0.58
CA GLY A 11 3.18 -0.68 0.56
C GLY A 11 3.96 -1.95 0.27
N LEU A 12 3.32 -2.89 -0.43
CA LEU A 12 3.95 -4.16 -0.77
C LEU A 12 5.25 -3.91 -1.53
N ILE A 13 5.30 -2.81 -2.27
CA ILE A 13 6.49 -2.47 -3.05
C ILE A 13 7.75 -2.52 -2.18
N LYS A 14 7.75 -1.78 -1.09
CA LYS A 14 8.90 -1.75 -0.19
C LYS A 14 9.04 -3.08 0.55
N ALA A 15 7.91 -3.74 0.79
CA ALA A 15 7.92 -5.02 1.49
C ALA A 15 8.60 -6.09 0.67
N PHE A 16 8.56 -5.92 -0.66
CA PHE A 16 9.18 -6.88 -1.56
C PHE A 16 10.70 -6.89 -1.38
N LYS A 17 11.29 -5.70 -1.32
CA LYS A 17 12.74 -5.58 -1.16
C LYS A 17 13.10 -5.56 0.32
N NH2 A 18 14.36 -5.39 0.67
HN1 NH2 A 18 15.05 -5.27 -0.01
HN2 NH2 A 18 14.60 -5.37 1.62
N PHE A 1 -13.05 9.92 1.80
CA PHE A 1 -12.91 8.63 1.07
C PHE A 1 -12.23 7.61 1.97
N PHE A 2 -12.75 6.39 1.98
CA PHE A 2 -12.18 5.32 2.79
C PHE A 2 -10.79 4.95 2.29
N SER A 3 -9.81 5.80 2.56
CA SER A 3 -8.44 5.56 2.12
C SER A 3 -7.92 4.24 2.69
N LEU A 4 -6.63 4.21 3.00
CA LEU A 4 -6.00 3.00 3.54
C LEU A 4 -5.73 2.00 2.44
N ILE A 5 -6.66 1.91 1.50
CA ILE A 5 -6.52 0.98 0.39
C ILE A 5 -5.28 1.30 -0.45
N PRO A 6 -5.00 2.56 -0.66
CA PRO A 6 -3.84 3.03 -1.46
C PRO A 6 -2.53 2.73 -0.75
N LYS A 7 -2.61 2.70 0.58
CA LYS A 7 -1.43 2.43 1.40
C LYS A 7 -1.00 0.97 1.25
N LEU A 8 -1.99 0.09 1.09
CA LEU A 8 -1.73 -1.33 0.94
C LEU A 8 -0.85 -1.58 -0.29
N VAL A 9 -1.16 -0.91 -1.38
CA VAL A 9 -0.40 -1.07 -2.61
C VAL A 9 1.04 -0.63 -2.41
N GLY A 10 1.22 0.60 -1.95
CA GLY A 10 2.56 1.14 -1.72
C GLY A 10 3.35 0.24 -0.77
N GLY A 11 2.63 -0.49 0.08
CA GLY A 11 3.27 -1.39 1.03
C GLY A 11 3.88 -2.60 0.31
N LEU A 12 3.22 -3.04 -0.75
CA LEU A 12 3.70 -4.19 -1.52
C LEU A 12 5.05 -3.88 -2.17
N ILE A 13 5.25 -2.60 -2.50
CA ILE A 13 6.50 -2.18 -3.13
C ILE A 13 7.69 -2.44 -2.21
N LYS A 14 7.61 -1.90 -1.00
CA LYS A 14 8.69 -2.08 -0.03
C LYS A 14 8.77 -3.53 0.43
N ALA A 15 7.61 -4.15 0.62
CA ALA A 15 7.57 -5.53 1.06
C ALA A 15 8.20 -6.45 0.01
N PHE A 16 8.14 -6.01 -1.24
CA PHE A 16 8.71 -6.77 -2.34
C PHE A 16 10.23 -6.76 -2.27
N LYS A 17 10.79 -5.72 -1.66
CA LYS A 17 12.23 -5.60 -1.54
C LYS A 17 12.79 -6.68 -0.62
N NH2 A 18 12.27 -7.88 -0.66
HN1 NH2 A 18 11.54 -8.08 -1.28
HN2 NH2 A 18 12.62 -8.59 -0.07
N PHE A 1 -13.09 2.36 0.98
CA PHE A 1 -12.88 3.13 2.24
C PHE A 1 -11.96 4.33 1.96
N PHE A 2 -12.46 5.53 2.24
CA PHE A 2 -11.67 6.73 2.00
C PHE A 2 -10.24 6.55 2.48
N SER A 3 -9.29 7.02 1.67
CA SER A 3 -7.88 6.91 2.02
C SER A 3 -7.55 5.49 2.47
N LEU A 4 -6.31 5.28 2.90
CA LEU A 4 -5.87 3.97 3.37
C LEU A 4 -5.59 3.05 2.18
N ILE A 5 -6.38 3.23 1.13
CA ILE A 5 -6.22 2.41 -0.07
C ILE A 5 -4.84 2.61 -0.70
N PRO A 6 -4.35 3.82 -0.70
CA PRO A 6 -3.02 4.15 -1.28
C PRO A 6 -1.89 3.57 -0.44
N LYS A 7 -2.19 3.37 0.83
CA LYS A 7 -1.20 2.82 1.76
C LYS A 7 -1.08 1.30 1.57
N LEU A 8 -2.21 0.65 1.32
CA LEU A 8 -2.23 -0.78 1.11
C LEU A 8 -1.34 -1.17 -0.06
N VAL A 9 -1.56 -0.54 -1.20
CA VAL A 9 -0.77 -0.83 -2.39
C VAL A 9 0.70 -0.47 -2.18
N GLY A 10 0.94 0.72 -1.63
CA GLY A 10 2.30 1.17 -1.38
C GLY A 10 3.06 0.17 -0.51
N GLY A 11 2.32 -0.58 0.30
CA GLY A 11 2.94 -1.57 1.17
C GLY A 11 3.53 -2.73 0.39
N LEU A 12 2.79 -3.21 -0.61
CA LEU A 12 3.25 -4.33 -1.43
C LEU A 12 4.56 -3.97 -2.14
N ILE A 13 4.74 -2.69 -2.46
CA ILE A 13 5.94 -2.25 -3.15
C ILE A 13 7.19 -2.54 -2.32
N LYS A 14 7.20 -2.05 -1.08
CA LYS A 14 8.36 -2.26 -0.20
C LYS A 14 8.47 -3.75 0.17
N ALA A 15 7.35 -4.45 0.19
CA ALA A 15 7.34 -5.86 0.53
C ALA A 15 8.20 -6.64 -0.45
N PHE A 16 8.32 -6.13 -1.66
CA PHE A 16 9.13 -6.79 -2.69
C PHE A 16 10.56 -6.98 -2.20
N LYS A 17 11.12 -5.95 -1.58
CA LYS A 17 12.48 -6.01 -1.07
C LYS A 17 12.56 -6.99 0.10
N NH2 A 18 13.55 -7.85 0.14
HN1 NH2 A 18 14.23 -7.87 -0.57
HN2 NH2 A 18 13.61 -8.49 0.89
N PHE A 1 -14.12 10.17 2.09
CA PHE A 1 -13.85 8.79 1.64
C PHE A 1 -12.66 8.23 2.42
N PHE A 2 -12.80 7.00 2.92
CA PHE A 2 -11.73 6.37 3.67
C PHE A 2 -10.56 6.03 2.76
N SER A 3 -9.35 6.01 3.34
CA SER A 3 -8.16 5.70 2.56
C SER A 3 -7.35 4.60 3.23
N LEU A 4 -6.96 3.59 2.44
CA LEU A 4 -6.20 2.48 2.97
C LEU A 4 -5.76 1.56 1.83
N ILE A 5 -6.67 1.32 0.91
CA ILE A 5 -6.38 0.47 -0.24
C ILE A 5 -5.23 1.03 -1.08
N PRO A 6 -5.19 2.32 -1.25
CA PRO A 6 -4.13 2.99 -2.06
C PRO A 6 -2.79 2.92 -1.35
N LYS A 7 -2.85 2.86 -0.03
CA LYS A 7 -1.64 2.78 0.78
C LYS A 7 -1.16 1.34 0.87
N LEU A 8 -2.10 0.41 0.91
CA LEU A 8 -1.79 -1.00 0.99
C LEU A 8 -0.94 -1.45 -0.19
N VAL A 9 -1.26 -0.93 -1.37
CA VAL A 9 -0.52 -1.28 -2.58
C VAL A 9 0.95 -0.83 -2.46
N GLY A 10 1.15 0.44 -2.12
CA GLY A 10 2.49 0.97 -1.98
C GLY A 10 3.30 0.13 -0.99
N GLY A 11 2.60 -0.50 -0.06
CA GLY A 11 3.25 -1.33 0.94
C GLY A 11 3.86 -2.57 0.32
N LEU A 12 3.10 -3.26 -0.52
CA LEU A 12 3.59 -4.46 -1.17
C LEU A 12 4.92 -4.19 -1.87
N ILE A 13 5.12 -2.96 -2.32
CA ILE A 13 6.35 -2.59 -3.02
C ILE A 13 7.57 -2.78 -2.12
N LYS A 14 7.54 -2.17 -0.94
CA LYS A 14 8.66 -2.28 -0.01
C LYS A 14 8.81 -3.73 0.47
N ALA A 15 7.70 -4.45 0.51
CA ALA A 15 7.72 -5.85 0.95
C ALA A 15 8.57 -6.70 0.01
N PHE A 16 8.65 -6.27 -1.24
CA PHE A 16 9.43 -6.99 -2.24
C PHE A 16 10.93 -6.88 -1.95
N LYS A 17 11.37 -5.67 -1.66
CA LYS A 17 12.78 -5.42 -1.37
C LYS A 17 12.98 -5.17 0.12
N NH2 A 18 13.30 -6.16 0.91
HN1 NH2 A 18 13.40 -7.07 0.53
HN2 NH2 A 18 13.43 -6.01 1.87
N PHE A 1 -15.41 5.47 0.57
CA PHE A 1 -14.03 5.02 0.95
C PHE A 1 -13.46 5.98 1.99
N PHE A 2 -12.21 5.75 2.39
CA PHE A 2 -11.55 6.59 3.38
C PHE A 2 -10.04 6.40 3.32
N SER A 3 -9.48 6.52 2.13
CA SER A 3 -8.04 6.36 1.96
C SER A 3 -7.61 4.94 2.34
N LEU A 4 -6.37 4.81 2.79
CA LEU A 4 -5.84 3.52 3.20
C LEU A 4 -5.48 2.69 1.97
N ILE A 5 -6.26 2.84 0.92
CA ILE A 5 -6.03 2.10 -0.32
C ILE A 5 -4.66 2.45 -0.91
N PRO A 6 -4.27 3.69 -0.85
CA PRO A 6 -2.97 4.16 -1.39
C PRO A 6 -1.81 3.62 -0.56
N LYS A 7 -2.10 3.35 0.70
CA LYS A 7 -1.09 2.83 1.62
C LYS A 7 -0.94 1.33 1.44
N LEU A 8 -2.02 0.67 1.04
CA LEU A 8 -2.02 -0.76 0.83
C LEU A 8 -0.96 -1.15 -0.22
N VAL A 9 -1.01 -0.50 -1.37
CA VAL A 9 -0.06 -0.78 -2.44
C VAL A 9 1.37 -0.54 -1.96
N GLY A 10 1.57 0.56 -1.25
CA GLY A 10 2.89 0.90 -0.74
C GLY A 10 3.47 -0.25 0.09
N GLY A 11 2.58 -1.04 0.68
CA GLY A 11 3.01 -2.16 1.51
C GLY A 11 3.57 -3.29 0.65
N LEU A 12 2.85 -3.63 -0.41
CA LEU A 12 3.29 -4.71 -1.30
C LEU A 12 4.53 -4.29 -2.09
N ILE A 13 4.65 -2.99 -2.37
CA ILE A 13 5.79 -2.49 -3.12
C ILE A 13 7.08 -2.65 -2.32
N LYS A 14 7.10 -2.12 -1.10
CA LYS A 14 8.29 -2.22 -0.27
C LYS A 14 8.54 -3.67 0.16
N ALA A 15 7.45 -4.41 0.39
CA ALA A 15 7.56 -5.80 0.80
C ALA A 15 8.28 -6.61 -0.28
N PHE A 16 8.16 -6.15 -1.51
CA PHE A 16 8.80 -6.84 -2.63
C PHE A 16 10.32 -6.78 -2.51
N LYS A 17 10.81 -5.71 -1.88
CA LYS A 17 12.25 -5.55 -1.70
C LYS A 17 12.80 -6.67 -0.83
N NH2 A 18 12.06 -7.18 0.12
HN1 NH2 A 18 11.16 -6.82 0.27
HN2 NH2 A 18 12.42 -7.90 0.69
N PHE A 1 -13.15 10.06 3.25
CA PHE A 1 -11.80 9.74 3.80
C PHE A 1 -11.64 8.23 3.87
N PHE A 2 -12.09 7.54 2.84
CA PHE A 2 -11.98 6.08 2.80
C PHE A 2 -10.72 5.66 2.03
N SER A 3 -9.63 6.37 2.29
CA SER A 3 -8.36 6.06 1.62
C SER A 3 -7.53 5.10 2.47
N LEU A 4 -7.21 3.94 1.89
CA LEU A 4 -6.41 2.95 2.60
C LEU A 4 -6.04 1.79 1.68
N ILE A 5 -6.94 1.49 0.75
CA ILE A 5 -6.70 0.40 -0.21
C ILE A 5 -5.44 0.66 -1.04
N PRO A 6 -5.22 1.89 -1.43
CA PRO A 6 -4.05 2.28 -2.26
C PRO A 6 -2.76 2.15 -1.46
N LYS A 7 -2.91 2.30 -0.15
CA LYS A 7 -1.76 2.22 0.75
C LYS A 7 -1.31 0.77 0.91
N LEU A 8 -2.28 -0.14 0.93
CA LEU A 8 -2.00 -1.55 1.08
C LEU A 8 -1.10 -2.03 -0.05
N VAL A 9 -1.51 -1.78 -1.29
CA VAL A 9 -0.73 -2.20 -2.44
C VAL A 9 0.62 -1.48 -2.47
N GLY A 10 0.59 -0.16 -2.34
CA GLY A 10 1.81 0.63 -2.36
C GLY A 10 2.79 0.13 -1.30
N GLY A 11 2.25 -0.45 -0.24
CA GLY A 11 3.08 -0.97 0.84
C GLY A 11 3.87 -2.20 0.40
N LEU A 12 3.19 -3.11 -0.29
CA LEU A 12 3.84 -4.34 -0.75
C LEU A 12 5.11 -4.01 -1.53
N ILE A 13 5.12 -2.84 -2.17
CA ILE A 13 6.28 -2.42 -2.95
C ILE A 13 7.55 -2.45 -2.10
N LYS A 14 7.48 -1.85 -0.91
CA LYS A 14 8.63 -1.82 -0.02
C LYS A 14 8.92 -3.22 0.52
N ALA A 15 7.88 -4.03 0.64
CA ALA A 15 8.03 -5.39 1.15
C ALA A 15 8.82 -6.24 0.18
N PHE A 16 8.74 -5.88 -1.10
CA PHE A 16 9.45 -6.62 -2.15
C PHE A 16 10.96 -6.56 -1.91
N LYS A 17 11.45 -5.36 -1.61
CA LYS A 17 12.88 -5.17 -1.38
C LYS A 17 13.21 -5.42 0.09
N NH2 A 18 12.43 -6.18 0.81
HN1 NH2 A 18 11.64 -6.60 0.40
HN2 NH2 A 18 12.63 -6.35 1.76
N PHE A 1 -14.87 3.99 2.84
CA PHE A 1 -14.22 5.09 2.06
C PHE A 1 -13.28 5.86 2.96
N PHE A 2 -11.97 5.65 2.77
CA PHE A 2 -10.97 6.34 3.58
C PHE A 2 -9.58 6.15 2.99
N SER A 3 -8.88 7.25 2.77
CA SER A 3 -7.53 7.19 2.20
C SER A 3 -6.72 6.11 2.91
N LEU A 4 -6.53 4.99 2.23
CA LEU A 4 -5.75 3.88 2.79
C LEU A 4 -5.51 2.80 1.74
N ILE A 5 -6.48 2.63 0.86
CA ILE A 5 -6.37 1.63 -0.20
C ILE A 5 -5.17 1.93 -1.10
N PRO A 6 -4.92 3.17 -1.40
CA PRO A 6 -3.80 3.59 -2.29
C PRO A 6 -2.47 3.35 -1.60
N LYS A 7 -2.50 3.40 -0.27
CA LYS A 7 -1.31 3.19 0.53
C LYS A 7 -1.03 1.70 0.70
N LEU A 8 -2.10 0.91 0.69
CA LEU A 8 -1.99 -0.52 0.83
C LEU A 8 -1.12 -1.11 -0.28
N VAL A 9 -1.45 -0.77 -1.52
CA VAL A 9 -0.68 -1.27 -2.66
C VAL A 9 0.77 -0.87 -2.54
N GLY A 10 1.01 0.41 -2.23
CA GLY A 10 2.36 0.91 -2.09
C GLY A 10 3.13 0.09 -1.05
N GLY A 11 2.39 -0.47 -0.10
CA GLY A 11 3.01 -1.27 0.94
C GLY A 11 3.61 -2.56 0.38
N LEU A 12 2.83 -3.25 -0.46
CA LEU A 12 3.30 -4.49 -1.05
C LEU A 12 4.66 -4.28 -1.72
N ILE A 13 4.91 -3.07 -2.19
CA ILE A 13 6.17 -2.75 -2.84
C ILE A 13 7.34 -2.94 -1.89
N LYS A 14 7.27 -2.31 -0.72
CA LYS A 14 8.34 -2.41 0.27
C LYS A 14 8.56 -3.86 0.68
N ALA A 15 7.48 -4.65 0.67
CA ALA A 15 7.56 -6.05 1.06
C ALA A 15 8.43 -6.81 0.08
N PHE A 16 8.48 -6.34 -1.15
CA PHE A 16 9.28 -6.99 -2.18
C PHE A 16 10.77 -6.87 -1.86
N LYS A 17 11.20 -5.66 -1.49
CA LYS A 17 12.59 -5.43 -1.15
C LYS A 17 13.04 -6.39 -0.05
N NH2 A 18 12.52 -6.28 1.14
HN1 NH2 A 18 11.84 -5.58 1.33
HN2 NH2 A 18 12.81 -6.89 1.86
#